data_1QK5
#
_entry.id   1QK5
#
_cell.length_a   55.208
_cell.length_b   112.255
_cell.length_c   144.280
_cell.angle_alpha   90.00
_cell.angle_beta   90.00
_cell.angle_gamma   90.00
#
_symmetry.space_group_name_H-M   'C 2 2 21'
#
loop_
_entity.id
_entity.type
_entity.pdbx_description
1 polymer 'HYPOXANTHINE-GUANINE PHOSPHORIBOSYLTRANSFERASE'
2 non-polymer "XANTHOSINE-5'-MONOPHOSPHATE"
3 non-polymer 'PYROPHOSPHATE 2-'
4 non-polymer 'MAGNESIUM ION'
5 water water
#
_entity_poly.entity_id   1
_entity_poly.type   'polypeptide(L)'
_entity_poly.pdbx_seq_one_letter_code
;GSHMASKPIEDYGKGKGRIEPMYIPDNTFYNADDFLVPPHCKPYIDKILLPGGLVKDRVEKLAYDIHRTYFGEELHIICI
LKGSRGFFNLLIDYLATIQKYSGRESSVPPFFEHYVRLKSYQNDNSTGQLTVLSDDLSIFRDKHVLIVEDIVATGFTLTE
FGERLKAVGPKSMRIATLVEKRTDRSNSLKGDFVGFSIEDVWIVGCCYDFNEMFRDFDHVAVLSDAARKKFEK
;
_entity_poly.pdbx_strand_id   A,B
#
loop_
_chem_comp.id
_chem_comp.type
_chem_comp.name
_chem_comp.formula
MG non-polymer 'MAGNESIUM ION' 'Mg 2'
POP non-polymer 'PYROPHOSPHATE 2-' 'H2 O7 P2 -2'
XMP non-polymer XANTHOSINE-5'-MONOPHOSPHATE 'C10 H14 N4 O9 P 1'
#
# COMPACT_ATOMS: atom_id res chain seq x y z
N MET A 4 -8.57 13.12 -22.15
CA MET A 4 -7.58 14.20 -22.04
C MET A 4 -7.21 14.51 -20.58
N ALA A 5 -5.92 14.56 -20.31
CA ALA A 5 -5.48 14.84 -18.93
C ALA A 5 -5.81 16.23 -18.44
N SER A 6 -5.67 17.22 -19.37
CA SER A 6 -6.05 18.58 -19.02
C SER A 6 -7.43 18.69 -18.41
N LYS A 7 -7.66 19.52 -17.45
CA LYS A 7 -8.95 19.82 -16.83
C LYS A 7 -8.78 21.08 -15.99
N PRO A 8 -9.67 22.05 -16.10
CA PRO A 8 -9.53 23.26 -15.29
C PRO A 8 -9.53 23.01 -13.80
N ILE A 9 -8.64 23.66 -13.06
CA ILE A 9 -8.55 23.55 -11.61
C ILE A 9 -9.86 23.90 -10.93
N GLU A 10 -10.64 24.85 -11.47
CA GLU A 10 -11.91 25.24 -10.88
C GLU A 10 -12.94 24.10 -10.96
N ASP A 11 -12.67 23.09 -11.81
CA ASP A 11 -13.64 21.98 -11.91
C ASP A 11 -13.38 20.94 -10.82
N TYR A 12 -12.34 21.09 -10.03
CA TYR A 12 -12.11 20.09 -8.95
C TYR A 12 -13.30 19.79 -8.06
N GLY A 13 -13.65 18.50 -7.83
CA GLY A 13 -14.78 18.16 -6.98
C GLY A 13 -16.16 18.28 -7.55
N LYS A 14 -16.28 18.61 -8.83
CA LYS A 14 -17.55 18.82 -9.48
C LYS A 14 -18.00 17.58 -10.24
N GLY A 15 -17.08 16.66 -10.48
CA GLY A 15 -17.40 15.43 -11.21
C GLY A 15 -17.93 15.72 -12.61
N LYS A 16 -17.43 16.83 -13.18
CA LYS A 16 -17.85 17.29 -14.51
C LYS A 16 -17.43 16.31 -15.58
N GLY A 17 -18.37 15.72 -16.30
CA GLY A 17 -18.12 14.83 -17.41
C GLY A 17 -17.75 13.39 -16.99
N ARG A 18 -18.09 13.08 -15.73
CA ARG A 18 -17.68 11.73 -15.27
C ARG A 18 -18.59 10.64 -15.78
N ILE A 19 -18.15 9.38 -15.63
CA ILE A 19 -18.95 8.22 -15.90
C ILE A 19 -19.62 7.87 -14.58
N GLU A 20 -20.94 7.76 -14.55
CA GLU A 20 -21.58 7.56 -13.24
C GLU A 20 -21.19 6.22 -12.65
N PRO A 21 -21.13 6.13 -11.34
CA PRO A 21 -20.70 4.90 -10.68
C PRO A 21 -21.80 3.85 -10.78
N MET A 22 -21.46 2.63 -10.35
CA MET A 22 -22.39 1.55 -10.18
C MET A 22 -23.36 1.88 -9.05
N TYR A 23 -24.68 1.93 -9.35
CA TYR A 23 -25.63 2.29 -8.28
C TYR A 23 -26.16 1.07 -7.54
N ILE A 24 -25.84 1.08 -6.25
CA ILE A 24 -26.30 0.03 -5.36
C ILE A 24 -27.55 0.55 -4.61
N PRO A 25 -28.70 -0.06 -4.88
CA PRO A 25 -29.96 0.39 -4.27
C PRO A 25 -29.97 0.21 -2.77
N ASP A 26 -30.81 1.00 -2.09
CA ASP A 26 -30.96 0.88 -0.64
C ASP A 26 -31.36 -0.56 -0.27
N ASN A 27 -30.98 -1.04 0.90
CA ASN A 27 -31.33 -2.31 1.47
C ASN A 27 -31.02 -3.49 0.55
N THR A 28 -29.85 -3.35 -0.08
CA THR A 28 -29.36 -4.38 -0.99
C THR A 28 -28.08 -4.98 -0.41
N PHE A 29 -28.10 -6.20 0.04
CA PHE A 29 -27.02 -6.82 0.75
C PHE A 29 -26.94 -8.32 0.41
N TYR A 30 -25.77 -8.89 0.61
CA TYR A 30 -25.54 -10.32 0.51
C TYR A 30 -25.42 -10.83 1.95
N ASN A 31 -25.73 -12.11 2.20
CA ASN A 31 -25.54 -12.65 3.54
C ASN A 31 -24.10 -13.05 3.83
N ALA A 32 -23.56 -12.62 4.96
CA ALA A 32 -22.23 -13.03 5.37
C ALA A 32 -22.01 -14.53 5.47
N ASP A 33 -23.07 -15.30 5.81
CA ASP A 33 -22.99 -16.72 5.91
C ASP A 33 -22.64 -17.42 4.61
N ASP A 34 -22.68 -16.72 3.48
CA ASP A 34 -22.35 -17.33 2.20
C ASP A 34 -20.86 -17.18 1.83
N PHE A 35 -20.15 -16.42 2.65
CA PHE A 35 -18.73 -16.13 2.48
C PHE A 35 -17.91 -16.78 3.57
N LEU A 36 -16.60 -16.90 3.31
CA LEU A 36 -15.66 -17.39 4.31
C LEU A 36 -15.27 -16.19 5.20
N VAL A 37 -15.74 -16.19 6.44
CA VAL A 37 -15.50 -15.06 7.38
C VAL A 37 -14.62 -15.56 8.48
N PRO A 38 -13.53 -14.90 8.75
CA PRO A 38 -12.55 -15.37 9.75
C PRO A 38 -13.12 -15.11 11.14
N PRO A 39 -12.65 -15.90 12.11
CA PRO A 39 -13.12 -15.88 13.50
C PRO A 39 -13.22 -14.56 14.22
N HIS A 40 -12.29 -13.65 13.92
CA HIS A 40 -12.27 -12.34 14.56
C HIS A 40 -13.36 -11.46 14.03
N CYS A 41 -13.95 -11.75 12.86
CA CYS A 41 -15.01 -10.93 12.32
C CYS A 41 -16.36 -11.60 12.45
N LYS A 42 -16.30 -12.90 12.63
CA LYS A 42 -17.51 -13.75 12.59
C LYS A 42 -18.65 -13.31 13.44
N PRO A 43 -18.45 -12.89 14.69
CA PRO A 43 -19.56 -12.42 15.52
C PRO A 43 -20.14 -11.09 15.10
N TYR A 44 -19.40 -10.28 14.34
CA TYR A 44 -19.75 -8.92 14.00
C TYR A 44 -20.21 -8.58 12.60
N ILE A 45 -20.06 -9.50 11.65
CA ILE A 45 -20.40 -9.25 10.26
C ILE A 45 -21.66 -10.01 9.89
N ASP A 46 -22.69 -9.28 9.47
CA ASP A 46 -23.91 -10.00 9.08
C ASP A 46 -24.27 -9.74 7.64
N LYS A 47 -24.15 -8.47 7.22
CA LYS A 47 -24.56 -8.08 5.88
C LYS A 47 -23.34 -7.58 5.08
N ILE A 48 -23.26 -8.09 3.85
CA ILE A 48 -22.13 -7.65 2.98
C ILE A 48 -22.71 -6.77 1.91
N LEU A 49 -22.22 -5.53 1.85
CA LEU A 49 -22.70 -4.60 0.83
C LEU A 49 -22.02 -4.85 -0.50
N LEU A 50 -20.65 -4.98 -0.46
CA LEU A 50 -19.90 -5.22 -1.69
C LEU A 50 -18.91 -6.36 -1.48
N PRO A 51 -19.13 -7.48 -2.12
CA PRO A 51 -18.18 -8.58 -2.04
C PRO A 51 -16.81 -8.08 -2.56
N GLY A 52 -15.75 -8.55 -1.97
CA GLY A 52 -14.40 -8.13 -2.33
C GLY A 52 -14.13 -8.30 -3.82
N GLY A 53 -14.61 -9.41 -4.38
CA GLY A 53 -14.39 -9.67 -5.80
C GLY A 53 -15.16 -8.60 -6.60
N LEU A 54 -16.30 -8.16 -6.16
CA LEU A 54 -17.05 -7.13 -6.93
C LEU A 54 -16.24 -5.84 -6.90
N VAL A 55 -15.64 -5.50 -5.74
CA VAL A 55 -14.76 -4.36 -5.65
C VAL A 55 -13.66 -4.48 -6.66
N LYS A 56 -12.99 -5.62 -6.68
CA LYS A 56 -11.92 -5.77 -7.69
C LYS A 56 -12.42 -5.61 -9.13
N ASP A 57 -13.60 -6.12 -9.47
CA ASP A 57 -14.06 -6.00 -10.86
C ASP A 57 -14.32 -4.53 -11.17
N ARG A 58 -14.87 -3.77 -10.22
CA ARG A 58 -15.17 -2.35 -10.48
C ARG A 58 -13.88 -1.55 -10.54
N VAL A 59 -12.87 -1.89 -9.71
CA VAL A 59 -11.61 -1.18 -9.73
C VAL A 59 -10.91 -1.41 -11.06
N GLU A 60 -11.09 -2.60 -11.64
CA GLU A 60 -10.51 -2.77 -12.99
C GLU A 60 -11.12 -1.78 -14.02
N LYS A 61 -12.41 -1.60 -13.94
CA LYS A 61 -13.07 -0.63 -14.88
C LYS A 61 -12.59 0.80 -14.59
N LEU A 62 -12.44 1.18 -13.34
CA LEU A 62 -11.94 2.53 -13.04
C LEU A 62 -10.52 2.74 -13.53
N ALA A 63 -9.65 1.71 -13.37
CA ALA A 63 -8.28 1.81 -13.85
C ALA A 63 -8.30 2.00 -15.37
N TYR A 64 -9.21 1.31 -16.03
CA TYR A 64 -9.24 1.51 -17.49
C TYR A 64 -9.68 2.95 -17.77
N ASP A 65 -10.68 3.42 -17.07
CA ASP A 65 -11.11 4.84 -17.27
C ASP A 65 -9.95 5.77 -17.04
N ILE A 66 -9.14 5.57 -16.00
CA ILE A 66 -8.01 6.41 -15.68
C ILE A 66 -6.90 6.32 -16.71
N HIS A 67 -6.62 5.11 -17.22
CA HIS A 67 -5.70 4.85 -18.30
C HIS A 67 -6.14 5.66 -19.57
N ARG A 68 -7.39 5.62 -19.89
CA ARG A 68 -7.86 6.34 -21.11
C ARG A 68 -7.62 7.85 -20.95
N THR A 69 -7.77 8.31 -19.72
CA THR A 69 -7.60 9.74 -19.47
C THR A 69 -6.16 10.19 -19.51
N TYR A 70 -5.26 9.49 -18.82
CA TYR A 70 -3.90 9.95 -18.66
C TYR A 70 -2.88 9.28 -19.55
N PHE A 71 -3.27 8.27 -20.35
CA PHE A 71 -2.21 7.60 -21.11
C PHE A 71 -1.35 8.62 -21.87
N GLY A 72 -0.07 8.41 -21.79
CA GLY A 72 0.89 9.22 -22.53
C GLY A 72 1.22 10.51 -21.81
N GLU A 73 0.65 10.76 -20.62
CA GLU A 73 0.96 11.93 -19.82
C GLU A 73 1.51 11.59 -18.45
N GLU A 74 2.32 12.44 -17.84
CA GLU A 74 2.87 12.19 -16.51
C GLU A 74 1.73 12.26 -15.50
N LEU A 75 1.56 11.24 -14.65
CA LEU A 75 0.42 11.22 -13.73
C LEU A 75 0.93 10.99 -12.30
N HIS A 76 0.61 11.93 -11.40
CA HIS A 76 0.99 11.81 -10.03
C HIS A 76 -0.21 11.42 -9.19
N ILE A 77 -0.12 10.20 -8.56
CA ILE A 77 -1.25 9.69 -7.82
C ILE A 77 -1.03 9.76 -6.31
N ILE A 78 -1.97 10.37 -5.62
CA ILE A 78 -1.79 10.53 -4.16
C ILE A 78 -2.69 9.54 -3.43
N CYS A 79 -2.12 8.66 -2.65
CA CYS A 79 -2.94 7.78 -1.78
C CYS A 79 -3.25 8.50 -0.45
N ILE A 80 -4.55 8.53 -0.09
CA ILE A 80 -4.91 9.12 1.20
C ILE A 80 -4.93 8.03 2.28
N LEU A 81 -3.95 7.98 3.16
CA LEU A 81 -3.85 6.91 4.18
C LEU A 81 -4.70 7.23 5.39
N LYS A 82 -5.12 6.23 6.18
CA LYS A 82 -4.85 4.85 5.86
C LYS A 82 -5.91 4.21 4.98
N GLY A 83 -7.09 4.82 4.98
CA GLY A 83 -8.24 4.18 4.34
C GLY A 83 -8.17 3.75 2.90
N SER A 84 -7.39 4.54 2.12
CA SER A 84 -7.43 4.18 0.68
C SER A 84 -6.37 3.20 0.29
N ARG A 85 -5.62 2.64 1.26
CA ARG A 85 -4.50 1.72 0.94
C ARG A 85 -4.94 0.58 -0.01
N GLY A 86 -6.06 -0.06 0.27
CA GLY A 86 -6.48 -1.19 -0.51
C GLY A 86 -6.90 -0.79 -1.91
N PHE A 87 -7.70 0.28 -2.01
CA PHE A 87 -8.14 0.72 -3.34
C PHE A 87 -6.93 1.18 -4.14
N PHE A 88 -6.09 2.00 -3.48
CA PHE A 88 -4.90 2.47 -4.21
C PHE A 88 -4.05 1.31 -4.70
N ASN A 89 -3.81 0.28 -3.87
CA ASN A 89 -2.91 -0.80 -4.28
C ASN A 89 -3.50 -1.60 -5.44
N LEU A 90 -4.82 -1.76 -5.41
CA LEU A 90 -5.48 -2.49 -6.53
C LEU A 90 -5.38 -1.62 -7.78
N LEU A 91 -5.65 -0.31 -7.62
CA LEU A 91 -5.68 0.58 -8.78
C LEU A 91 -4.34 0.68 -9.47
N ILE A 92 -3.28 0.82 -8.70
CA ILE A 92 -1.94 0.96 -9.33
C ILE A 92 -1.52 -0.36 -9.98
N ASP A 93 -1.97 -1.49 -9.45
CA ASP A 93 -1.63 -2.78 -10.06
C ASP A 93 -2.34 -2.88 -11.41
N TYR A 94 -3.64 -2.56 -11.47
CA TYR A 94 -4.35 -2.60 -12.74
C TYR A 94 -3.77 -1.51 -13.68
N LEU A 95 -3.46 -0.30 -13.21
CA LEU A 95 -2.90 0.65 -14.21
C LEU A 95 -1.63 0.19 -14.83
N ALA A 96 -0.72 -0.40 -14.06
CA ALA A 96 0.56 -0.85 -14.60
C ALA A 96 0.22 -1.97 -15.62
N THR A 97 -0.58 -2.91 -15.18
CA THR A 97 -0.87 -4.03 -16.13
C THR A 97 -1.50 -3.55 -17.41
N ILE A 98 -2.47 -2.69 -17.36
CA ILE A 98 -3.24 -2.20 -18.52
C ILE A 98 -2.23 -1.55 -19.45
N GLN A 99 -1.41 -0.67 -18.88
CA GLN A 99 -0.43 -0.04 -19.79
C GLN A 99 0.47 -1.09 -20.38
N LYS A 100 0.95 -2.01 -19.55
CA LYS A 100 1.91 -3.02 -19.97
C LYS A 100 1.31 -3.83 -21.16
N TYR A 101 0.03 -4.20 -21.13
CA TYR A 101 -0.54 -5.02 -22.19
C TYR A 101 -1.21 -4.22 -23.30
N SER A 102 -1.28 -2.89 -23.19
CA SER A 102 -2.00 -2.03 -24.11
C SER A 102 -1.44 -2.12 -25.53
N GLY A 103 -0.17 -2.36 -25.70
CA GLY A 103 0.37 -2.41 -27.07
C GLY A 103 0.59 -0.99 -27.57
N ARG A 104 0.51 -0.04 -26.65
CA ARG A 104 0.77 1.38 -26.97
C ARG A 104 2.17 1.68 -26.45
N GLU A 105 2.89 2.59 -27.08
CA GLU A 105 4.26 2.84 -26.60
C GLU A 105 4.26 4.20 -25.90
N SER A 106 4.74 4.21 -24.67
CA SER A 106 4.79 5.49 -23.93
C SER A 106 6.12 5.49 -23.23
N SER A 107 6.76 6.65 -23.09
CA SER A 107 8.04 6.69 -22.39
C SER A 107 7.82 7.10 -20.93
N VAL A 108 6.54 7.31 -20.60
CA VAL A 108 6.24 7.71 -19.23
C VAL A 108 5.57 6.53 -18.51
N PRO A 109 6.00 6.29 -17.30
CA PRO A 109 5.41 5.25 -16.45
C PRO A 109 3.93 5.50 -16.33
N PRO A 110 3.12 4.50 -15.91
CA PRO A 110 1.70 4.61 -15.78
C PRO A 110 1.23 5.54 -14.65
N PHE A 111 2.10 5.77 -13.71
CA PHE A 111 1.90 6.70 -12.58
C PHE A 111 3.19 6.93 -11.83
N PHE A 112 3.19 7.96 -10.97
CA PHE A 112 4.18 8.18 -9.94
C PHE A 112 3.44 8.25 -8.59
N GLU A 113 3.83 7.48 -7.60
CA GLU A 113 3.04 7.39 -6.38
C GLU A 113 3.48 8.36 -5.29
N HIS A 114 2.48 8.72 -4.52
CA HIS A 114 2.70 9.63 -3.36
C HIS A 114 1.73 9.27 -2.23
N TYR A 115 2.02 9.74 -1.02
CA TYR A 115 1.20 9.39 0.14
C TYR A 115 0.93 10.57 1.04
N VAL A 116 -0.31 10.68 1.47
CA VAL A 116 -0.62 11.76 2.43
C VAL A 116 -1.54 11.11 3.48
N ARG A 117 -1.49 11.56 4.71
CA ARG A 117 -2.31 10.96 5.74
C ARG A 117 -3.25 12.08 6.21
N LEU A 118 -4.53 11.81 6.12
CA LEU A 118 -5.52 12.78 6.60
C LEU A 118 -6.35 12.14 7.72
N LYS A 119 -6.83 12.95 8.66
CA LYS A 119 -7.66 12.45 9.74
C LYS A 119 -8.42 13.61 10.40
N THR A 131 -6.68 16.95 10.07
CA THR A 131 -5.49 17.57 9.52
C THR A 131 -4.69 16.63 8.62
N VAL A 132 -3.70 17.26 8.01
CA VAL A 132 -2.79 16.73 6.99
C VAL A 132 -1.40 16.37 7.55
N LEU A 133 -0.80 15.38 6.91
CA LEU A 133 0.53 14.85 7.18
C LEU A 133 1.10 14.40 5.83
N SER A 134 2.12 15.08 5.31
CA SER A 134 2.70 14.73 4.03
C SER A 134 4.07 15.32 3.79
N ASP A 135 4.67 14.90 2.69
CA ASP A 135 5.93 15.49 2.23
C ASP A 135 5.56 16.91 1.74
N ASP A 136 6.56 17.64 1.32
CA ASP A 136 6.34 18.98 0.75
C ASP A 136 5.43 18.86 -0.46
N LEU A 137 4.31 19.57 -0.48
CA LEU A 137 3.38 19.49 -1.57
C LEU A 137 3.73 20.32 -2.80
N SER A 138 4.78 21.18 -2.70
CA SER A 138 5.06 22.03 -3.85
C SER A 138 5.49 21.30 -5.08
N ILE A 139 5.83 19.98 -4.92
CA ILE A 139 6.24 19.22 -6.12
C ILE A 139 5.13 18.84 -7.07
N PHE A 140 3.92 19.07 -6.60
CA PHE A 140 2.79 18.87 -7.51
C PHE A 140 2.58 20.07 -8.42
N ARG A 141 3.40 21.15 -8.27
CA ARG A 141 3.20 22.30 -9.16
C ARG A 141 3.34 21.84 -10.62
N ASP A 142 2.41 22.23 -11.44
CA ASP A 142 2.28 22.02 -12.85
C ASP A 142 2.22 20.52 -13.21
N LYS A 143 1.71 19.79 -12.23
CA LYS A 143 1.60 18.30 -12.49
C LYS A 143 0.15 17.92 -12.59
N HIS A 144 -0.10 16.77 -13.28
CA HIS A 144 -1.43 16.18 -13.34
C HIS A 144 -1.59 15.30 -12.07
N VAL A 145 -2.52 15.66 -11.22
CA VAL A 145 -2.69 14.96 -9.93
C VAL A 145 -4.02 14.24 -9.89
N LEU A 146 -3.99 13.00 -9.33
CA LEU A 146 -5.18 12.20 -9.08
C LEU A 146 -5.15 11.85 -7.58
N ILE A 147 -6.16 12.28 -6.87
CA ILE A 147 -6.25 12.00 -5.44
C ILE A 147 -7.10 10.72 -5.31
N VAL A 148 -6.52 9.73 -4.60
CA VAL A 148 -7.23 8.44 -4.49
C VAL A 148 -7.72 8.32 -3.04
N GLU A 149 -9.02 8.15 -2.89
CA GLU A 149 -9.66 8.09 -1.56
C GLU A 149 -10.60 6.91 -1.48
N ASP A 150 -10.82 6.43 -0.25
CA ASP A 150 -11.71 5.28 -0.05
C ASP A 150 -13.19 5.64 -0.15
N ILE A 151 -13.60 6.70 0.47
CA ILE A 151 -15.04 7.03 0.40
C ILE A 151 -15.21 8.52 0.59
N VAL A 152 -16.24 9.03 -0.06
CA VAL A 152 -16.60 10.45 0.12
C VAL A 152 -18.01 10.42 0.72
N ALA A 153 -18.21 11.20 1.77
CA ALA A 153 -19.52 11.19 2.47
C ALA A 153 -19.99 12.66 2.45
N THR A 154 -19.61 13.47 3.43
CA THR A 154 -20.02 14.88 3.39
C THR A 154 -19.27 15.66 2.33
N GLY A 155 -18.02 15.24 2.08
CA GLY A 155 -17.15 15.88 1.10
C GLY A 155 -16.19 16.87 1.77
N PHE A 156 -16.26 16.98 3.09
CA PHE A 156 -15.40 17.90 3.81
C PHE A 156 -13.92 17.60 3.65
N THR A 157 -13.53 16.35 3.81
CA THR A 157 -12.12 15.95 3.76
C THR A 157 -11.45 16.33 2.46
N LEU A 158 -12.07 15.98 1.33
CA LEU A 158 -11.50 16.28 0.04
C LEU A 158 -11.68 17.74 -0.37
N THR A 159 -12.65 18.43 0.27
CA THR A 159 -12.80 19.87 -0.05
C THR A 159 -11.60 20.61 0.55
N GLU A 160 -11.31 20.27 1.80
CA GLU A 160 -10.24 20.85 2.58
C GLU A 160 -8.87 20.49 2.03
N PHE A 161 -8.64 19.19 1.71
CA PHE A 161 -7.33 18.84 1.16
C PHE A 161 -7.13 19.45 -0.21
N GLY A 162 -8.19 19.52 -1.01
CA GLY A 162 -8.23 20.13 -2.32
C GLY A 162 -7.75 21.60 -2.26
N GLU A 163 -8.27 22.37 -1.33
CA GLU A 163 -7.81 23.78 -1.23
C GLU A 163 -6.33 23.87 -0.95
N ARG A 164 -5.85 22.98 -0.06
CA ARG A 164 -4.42 22.94 0.26
C ARG A 164 -3.57 22.68 -0.95
N LEU A 165 -3.97 21.69 -1.80
CA LEU A 165 -3.20 21.38 -2.98
C LEU A 165 -3.30 22.45 -4.07
N LYS A 166 -4.48 23.05 -4.23
CA LYS A 166 -4.69 24.09 -5.23
C LYS A 166 -3.66 25.23 -5.08
N ALA A 167 -3.23 25.47 -3.88
CA ALA A 167 -2.22 26.55 -3.65
C ALA A 167 -0.89 26.30 -4.30
N VAL A 168 -0.48 25.07 -4.62
CA VAL A 168 0.80 24.85 -5.29
C VAL A 168 0.64 24.93 -6.79
N GLY A 169 -0.54 25.14 -7.35
CA GLY A 169 -0.76 25.27 -8.78
C GLY A 169 -0.52 24.06 -9.64
N PRO A 170 -1.23 22.99 -9.33
CA PRO A 170 -1.11 21.78 -10.17
C PRO A 170 -1.63 22.07 -11.56
N LYS A 171 -1.36 21.21 -12.54
CA LYS A 171 -1.86 21.37 -13.90
C LYS A 171 -3.31 20.92 -14.00
N SER A 172 -3.63 19.84 -13.25
CA SER A 172 -5.00 19.38 -13.19
C SER A 172 -5.19 18.54 -11.89
N MET A 173 -6.42 18.50 -11.44
CA MET A 173 -6.74 17.78 -10.21
C MET A 173 -8.02 16.97 -10.41
N ARG A 174 -7.92 15.63 -10.15
CA ARG A 174 -9.11 14.79 -10.22
C ARG A 174 -9.12 13.89 -8.93
N ILE A 175 -10.31 13.36 -8.73
CA ILE A 175 -10.46 12.46 -7.52
C ILE A 175 -10.98 11.11 -8.01
N ALA A 176 -10.39 10.06 -7.47
CA ALA A 176 -10.88 8.69 -7.65
C ALA A 176 -11.34 8.22 -6.28
N THR A 177 -12.63 7.85 -6.12
CA THR A 177 -13.08 7.39 -4.80
C THR A 177 -13.76 6.06 -5.00
N LEU A 178 -13.48 5.05 -4.13
CA LEU A 178 -14.14 3.79 -4.41
C LEU A 178 -15.66 3.88 -4.20
N VAL A 179 -16.06 4.61 -3.18
CA VAL A 179 -17.48 4.68 -2.81
C VAL A 179 -17.89 6.15 -2.57
N GLU A 180 -19.13 6.46 -2.98
CA GLU A 180 -19.69 7.78 -2.60
C GLU A 180 -21.01 7.46 -1.87
N LYS A 181 -21.28 8.12 -0.73
CA LYS A 181 -22.52 7.79 -0.02
C LYS A 181 -23.61 8.82 -0.49
N ARG A 182 -24.82 8.34 -0.60
CA ARG A 182 -25.92 9.30 -0.89
C ARG A 182 -26.35 9.83 0.48
N THR A 183 -25.88 11.00 0.87
CA THR A 183 -26.20 11.49 2.22
C THR A 183 -27.26 12.58 2.33
N SER A 188 -22.05 19.59 -2.17
CA SER A 188 -21.51 18.25 -2.02
C SER A 188 -20.53 17.86 -3.13
N LEU A 189 -19.29 17.71 -2.69
CA LEU A 189 -18.15 17.33 -3.52
C LEU A 189 -18.38 15.94 -4.12
N LYS A 190 -17.95 15.73 -5.36
CA LYS A 190 -18.10 14.38 -5.92
C LYS A 190 -16.84 14.00 -6.67
N GLY A 191 -16.60 12.66 -6.79
CA GLY A 191 -15.39 12.29 -7.50
C GLY A 191 -15.57 12.21 -9.01
N ASP A 192 -14.48 12.12 -9.74
CA ASP A 192 -14.34 11.97 -11.15
C ASP A 192 -14.34 10.51 -11.59
N PHE A 193 -13.76 9.61 -10.79
CA PHE A 193 -13.75 8.16 -11.08
C PHE A 193 -14.30 7.48 -9.82
N VAL A 194 -15.55 7.11 -9.86
CA VAL A 194 -16.18 6.60 -8.62
C VAL A 194 -16.67 5.16 -8.87
N GLY A 195 -16.35 4.33 -7.84
CA GLY A 195 -16.75 2.93 -8.05
C GLY A 195 -18.24 2.66 -7.83
N PHE A 196 -18.72 3.00 -6.65
CA PHE A 196 -20.09 2.67 -6.27
C PHE A 196 -20.80 3.85 -5.57
N SER A 197 -22.10 3.98 -5.81
CA SER A 197 -22.96 4.91 -5.08
C SER A 197 -23.79 4.00 -4.13
N ILE A 198 -23.67 4.26 -2.85
CA ILE A 198 -24.35 3.50 -1.85
C ILE A 198 -25.26 4.39 -0.98
N GLU A 199 -26.03 3.66 -0.20
CA GLU A 199 -26.91 4.41 0.72
C GLU A 199 -26.09 4.93 1.89
N ASP A 200 -26.70 5.82 2.68
CA ASP A 200 -25.99 6.38 3.82
C ASP A 200 -25.87 5.46 5.00
N VAL A 201 -24.88 4.60 5.06
CA VAL A 201 -24.63 3.68 6.12
C VAL A 201 -23.11 3.65 6.37
N TRP A 202 -22.67 3.27 7.53
CA TRP A 202 -21.29 3.17 7.91
C TRP A 202 -20.78 1.78 7.47
N ILE A 203 -19.75 1.82 6.62
CA ILE A 203 -19.21 0.58 6.10
C ILE A 203 -17.86 0.25 6.74
N VAL A 204 -17.62 -1.05 6.78
CA VAL A 204 -16.37 -1.58 7.33
C VAL A 204 -15.86 -2.72 6.44
N GLY A 205 -14.57 -3.08 6.55
CA GLY A 205 -14.07 -4.16 5.68
C GLY A 205 -13.34 -3.62 4.45
N CYS A 206 -12.52 -4.40 3.79
CA CYS A 206 -11.78 -3.88 2.61
C CYS A 206 -11.15 -2.52 2.87
N CYS A 207 -10.44 -2.37 3.97
CA CYS A 207 -9.77 -1.20 4.43
C CYS A 207 -10.64 -0.15 5.13
N TYR A 208 -11.95 -0.29 5.07
CA TYR A 208 -12.86 0.59 5.82
C TYR A 208 -12.79 0.15 7.26
N ASP A 209 -12.69 1.06 8.22
CA ASP A 209 -12.60 0.56 9.59
C ASP A 209 -13.67 1.22 10.48
N PHE A 210 -13.74 0.63 11.66
CA PHE A 210 -14.52 1.27 12.77
C PHE A 210 -13.47 1.29 13.88
N ASN A 211 -12.97 2.48 14.22
CA ASN A 211 -11.90 2.62 15.22
C ASN A 211 -10.76 1.67 15.07
N GLU A 212 -10.21 1.57 13.83
CA GLU A 212 -9.10 0.76 13.43
C GLU A 212 -9.38 -0.72 13.27
N MET A 213 -10.59 -1.14 13.58
CA MET A 213 -11.01 -2.52 13.39
C MET A 213 -11.67 -2.79 12.02
N PHE A 214 -11.56 -3.99 11.55
CA PHE A 214 -12.10 -4.65 10.39
C PHE A 214 -11.39 -4.32 9.06
N ARG A 215 -10.26 -3.63 9.12
CA ARG A 215 -9.67 -3.31 7.80
C ARG A 215 -9.36 -4.54 6.97
N ASP A 216 -8.88 -5.62 7.60
CA ASP A 216 -8.42 -6.81 6.91
C ASP A 216 -9.49 -7.74 6.41
N PHE A 217 -10.74 -7.48 6.76
CA PHE A 217 -11.82 -8.32 6.24
C PHE A 217 -11.87 -8.17 4.71
N ASP A 218 -12.14 -9.22 3.98
CA ASP A 218 -12.07 -9.11 2.52
C ASP A 218 -13.26 -8.47 1.83
N HIS A 219 -14.36 -8.27 2.53
CA HIS A 219 -15.55 -7.72 1.87
C HIS A 219 -15.97 -6.44 2.56
N VAL A 220 -16.76 -5.65 1.82
CA VAL A 220 -17.29 -4.41 2.32
C VAL A 220 -18.62 -4.78 3.05
N ALA A 221 -18.68 -4.47 4.33
CA ALA A 221 -19.90 -4.84 5.07
C ALA A 221 -20.46 -3.65 5.82
N VAL A 222 -21.68 -3.84 6.35
CA VAL A 222 -22.26 -2.76 7.17
C VAL A 222 -21.86 -3.00 8.59
N LEU A 223 -21.68 -1.89 9.34
CA LEU A 223 -21.36 -2.01 10.75
C LEU A 223 -22.64 -2.38 11.53
N SER A 224 -22.63 -3.54 12.14
CA SER A 224 -23.77 -4.08 12.86
C SER A 224 -23.84 -3.51 14.30
N ASP A 225 -24.88 -3.88 15.00
CA ASP A 225 -24.96 -3.46 16.43
C ASP A 225 -23.88 -4.12 17.25
N ALA A 226 -23.71 -5.42 17.09
CA ALA A 226 -22.73 -6.18 17.84
C ALA A 226 -21.37 -5.53 17.68
N ALA A 227 -21.03 -5.18 16.43
CA ALA A 227 -19.77 -4.54 16.14
C ALA A 227 -19.69 -3.16 16.82
N ARG A 228 -20.76 -2.38 16.70
CA ARG A 228 -20.77 -1.03 17.26
C ARG A 228 -20.48 -1.09 18.75
N LYS A 229 -21.17 -1.96 19.47
CA LYS A 229 -21.03 -2.14 20.90
C LYS A 229 -19.62 -2.51 21.36
N LYS A 230 -19.07 -3.62 20.87
CA LYS A 230 -17.75 -4.07 21.26
C LYS A 230 -16.60 -3.13 20.95
N PHE A 231 -16.68 -2.41 19.84
CA PHE A 231 -15.59 -1.52 19.44
C PHE A 231 -15.92 -0.04 19.55
N GLU A 232 -16.94 0.32 20.28
CA GLU A 232 -17.42 1.66 20.59
C GLU A 232 -16.35 2.62 21.09
N LYS A 233 -16.44 3.87 20.64
CA LYS A 233 -15.54 4.95 20.97
C LYS A 233 -14.37 4.52 21.85
N MET B 4 6.00 -17.79 20.37
CA MET B 4 6.31 -16.72 21.36
C MET B 4 6.59 -15.37 20.68
N ALA B 5 5.70 -14.41 20.93
CA ALA B 5 5.87 -13.08 20.34
C ALA B 5 6.90 -12.25 21.11
N SER B 6 7.16 -12.61 22.37
CA SER B 6 8.11 -11.87 23.19
C SER B 6 9.53 -11.88 22.63
N LYS B 7 10.19 -10.74 22.75
CA LYS B 7 11.56 -10.51 22.31
C LYS B 7 12.04 -9.24 23.03
N PRO B 8 13.05 -9.39 23.88
CA PRO B 8 13.58 -8.27 24.62
C PRO B 8 14.02 -7.17 23.65
N ILE B 9 13.66 -5.94 23.94
CA ILE B 9 14.03 -4.77 23.18
C ILE B 9 15.50 -4.70 22.83
N GLU B 10 16.38 -5.08 23.75
CA GLU B 10 17.81 -5.06 23.57
C GLU B 10 18.27 -5.87 22.37
N ASP B 11 17.51 -6.85 21.93
CA ASP B 11 17.83 -7.70 20.79
C ASP B 11 17.54 -7.06 19.43
N TYR B 12 16.86 -5.90 19.44
CA TYR B 12 16.52 -5.25 18.19
C TYR B 12 17.71 -5.09 17.27
N GLY B 13 17.60 -5.62 16.05
CA GLY B 13 18.56 -5.46 15.00
C GLY B 13 19.66 -6.52 15.03
N LYS B 14 19.54 -7.46 15.93
CA LYS B 14 20.57 -8.50 16.02
C LYS B 14 20.29 -9.73 15.16
N GLY B 15 19.02 -9.91 14.79
CA GLY B 15 18.65 -11.10 14.01
C GLY B 15 18.85 -12.39 14.80
N LYS B 16 18.71 -12.31 16.11
CA LYS B 16 18.88 -13.44 17.02
C LYS B 16 17.87 -14.55 16.72
N GLY B 17 18.34 -15.74 16.43
CA GLY B 17 17.49 -16.89 16.27
C GLY B 17 16.63 -16.78 15.01
N ARG B 18 17.09 -16.01 14.04
CA ARG B 18 16.38 -15.86 12.78
C ARG B 18 16.61 -17.09 11.88
N ILE B 19 15.74 -17.14 10.88
CA ILE B 19 15.91 -18.15 9.81
C ILE B 19 16.74 -17.41 8.79
N GLU B 20 17.85 -17.93 8.30
CA GLU B 20 18.64 -17.18 7.32
C GLU B 20 17.86 -16.99 6.03
N PRO B 21 18.13 -15.90 5.34
CA PRO B 21 17.48 -15.58 4.08
C PRO B 21 17.94 -16.47 2.92
N MET B 22 17.31 -16.27 1.77
CA MET B 22 17.70 -17.02 0.57
C MET B 22 18.93 -16.29 0.02
N TYR B 23 20.03 -17.06 -0.15
CA TYR B 23 21.29 -16.50 -0.63
C TYR B 23 21.35 -16.44 -2.14
N ILE B 24 21.56 -15.26 -2.67
CA ILE B 24 21.72 -14.99 -4.08
C ILE B 24 23.19 -14.62 -4.35
N PRO B 25 23.93 -15.54 -4.95
CA PRO B 25 25.34 -15.31 -5.25
C PRO B 25 25.63 -14.16 -6.15
N ASP B 26 26.92 -13.66 -6.06
CA ASP B 26 27.33 -12.58 -6.93
C ASP B 26 27.21 -12.90 -8.41
N ASN B 27 26.97 -11.92 -9.26
CA ASN B 27 26.89 -12.17 -10.69
C ASN B 27 25.86 -13.21 -11.16
N THR B 28 24.76 -13.28 -10.42
CA THR B 28 23.66 -14.17 -10.83
C THR B 28 22.45 -13.32 -11.19
N PHE B 29 22.08 -13.32 -12.45
CA PHE B 29 20.98 -12.54 -12.96
C PHE B 29 20.30 -13.33 -14.10
N TYR B 30 19.10 -12.92 -14.43
CA TYR B 30 18.31 -13.43 -15.52
C TYR B 30 18.39 -12.35 -16.60
N ASN B 31 18.11 -12.65 -17.86
CA ASN B 31 18.13 -11.58 -18.87
C ASN B 31 16.77 -10.91 -18.99
N ALA B 32 16.74 -9.60 -19.09
CA ALA B 32 15.50 -8.84 -19.21
C ALA B 32 14.68 -9.23 -20.43
N ASP B 33 15.40 -9.63 -21.50
CA ASP B 33 14.79 -10.04 -22.75
C ASP B 33 13.85 -11.24 -22.61
N ASP B 34 14.00 -12.04 -21.57
CA ASP B 34 13.15 -13.19 -21.35
C ASP B 34 11.82 -12.79 -20.70
N PHE B 35 11.73 -11.55 -20.26
CA PHE B 35 10.51 -11.07 -19.58
C PHE B 35 9.78 -10.04 -20.39
N LEU B 36 8.50 -9.80 -19.99
CA LEU B 36 7.79 -8.74 -20.69
C LEU B 36 8.11 -7.44 -19.97
N VAL B 37 8.93 -6.63 -20.65
CA VAL B 37 9.32 -5.33 -20.03
C VAL B 37 8.58 -4.24 -20.75
N PRO B 38 7.95 -3.30 -20.07
CA PRO B 38 7.20 -2.23 -20.72
C PRO B 38 8.09 -1.20 -21.41
N PRO B 39 7.56 -0.51 -22.40
CA PRO B 39 8.33 0.42 -23.20
C PRO B 39 9.12 1.47 -22.44
N HIS B 40 8.63 1.99 -21.31
CA HIS B 40 9.38 3.01 -20.58
C HIS B 40 10.54 2.44 -19.79
N CYS B 41 10.59 1.14 -19.64
CA CYS B 41 11.66 0.47 -18.93
C CYS B 41 12.63 -0.22 -19.89
N LYS B 42 12.18 -0.52 -21.11
CA LYS B 42 12.97 -1.31 -22.04
C LYS B 42 14.39 -0.84 -22.26
N PRO B 43 14.60 0.44 -22.52
CA PRO B 43 15.95 0.94 -22.74
C PRO B 43 16.86 0.83 -21.54
N TYR B 44 16.31 0.69 -20.33
CA TYR B 44 17.12 0.76 -19.11
C TYR B 44 17.28 -0.50 -18.30
N ILE B 45 16.54 -1.57 -18.56
CA ILE B 45 16.66 -2.77 -17.76
C ILE B 45 17.40 -3.86 -18.56
N ASP B 46 18.43 -4.41 -17.95
CA ASP B 46 19.21 -5.40 -18.68
C ASP B 46 19.28 -6.70 -17.91
N LYS B 47 19.57 -6.61 -16.65
CA LYS B 47 19.76 -7.70 -15.75
C LYS B 47 18.71 -7.75 -14.65
N ILE B 48 17.97 -8.86 -14.58
CA ILE B 48 17.00 -9.08 -13.51
C ILE B 48 17.55 -9.93 -12.41
N LEU B 49 17.72 -9.37 -11.18
CA LEU B 49 18.20 -10.10 -10.04
C LEU B 49 17.15 -10.99 -9.42
N LEU B 50 15.91 -10.46 -9.25
CA LEU B 50 14.84 -11.24 -8.59
C LEU B 50 13.54 -11.04 -9.35
N PRO B 51 13.12 -12.07 -10.10
CA PRO B 51 11.87 -11.97 -10.83
C PRO B 51 10.77 -11.67 -9.81
N GLY B 52 9.78 -10.88 -10.20
CA GLY B 52 8.69 -10.55 -9.27
C GLY B 52 8.00 -11.76 -8.71
N GLY B 53 7.81 -12.86 -9.49
CA GLY B 53 7.16 -14.02 -8.90
C GLY B 53 8.07 -14.76 -7.94
N LEU B 54 9.41 -14.64 -8.04
CA LEU B 54 10.32 -15.17 -7.00
C LEU B 54 10.21 -14.40 -5.67
N VAL B 55 10.05 -13.08 -5.82
CA VAL B 55 9.75 -12.26 -4.64
C VAL B 55 8.45 -12.69 -3.98
N LYS B 56 7.38 -12.84 -4.80
CA LYS B 56 6.15 -13.33 -4.11
C LYS B 56 6.31 -14.65 -3.40
N ASP B 57 6.96 -15.67 -4.05
CA ASP B 57 7.11 -16.97 -3.39
C ASP B 57 7.89 -16.88 -2.07
N ARG B 58 8.87 -15.98 -2.01
CA ARG B 58 9.66 -15.78 -0.81
C ARG B 58 8.91 -15.05 0.32
N VAL B 59 8.10 -14.09 -0.09
CA VAL B 59 7.25 -13.33 0.81
C VAL B 59 6.24 -14.25 1.46
N GLU B 60 5.74 -15.28 0.67
CA GLU B 60 4.81 -16.23 1.27
C GLU B 60 5.41 -16.94 2.49
N LYS B 61 6.67 -17.36 2.32
CA LYS B 61 7.40 -18.04 3.39
C LYS B 61 7.71 -17.11 4.58
N LEU B 62 8.02 -15.85 4.27
CA LEU B 62 8.18 -14.88 5.38
C LEU B 62 6.91 -14.70 6.16
N ALA B 63 5.78 -14.55 5.43
CA ALA B 63 4.49 -14.37 6.06
C ALA B 63 4.19 -15.49 6.99
N TYR B 64 4.42 -16.75 6.43
CA TYR B 64 4.18 -17.91 7.32
C TYR B 64 5.03 -17.88 8.59
N ASP B 65 6.28 -17.50 8.45
CA ASP B 65 7.19 -17.37 9.62
C ASP B 65 6.60 -16.35 10.58
N ILE B 66 6.10 -15.23 10.00
CA ILE B 66 5.54 -14.17 10.86
C ILE B 66 4.30 -14.61 11.59
N HIS B 67 3.35 -15.33 10.88
CA HIS B 67 2.16 -15.83 11.47
C HIS B 67 2.51 -16.82 12.61
N ARG B 68 3.52 -17.64 12.45
CA ARG B 68 3.89 -18.63 13.44
C ARG B 68 4.38 -17.87 14.71
N THR B 69 4.99 -16.75 14.50
CA THR B 69 5.54 -15.95 15.61
C THR B 69 4.48 -15.19 16.39
N TYR B 70 3.47 -14.58 15.75
CA TYR B 70 2.49 -13.73 16.43
C TYR B 70 1.07 -14.22 16.55
N PHE B 71 0.74 -15.42 16.01
CA PHE B 71 -0.65 -15.87 16.08
C PHE B 71 -1.25 -15.76 17.46
N GLY B 72 -2.44 -15.16 17.50
CA GLY B 72 -3.27 -14.95 18.67
C GLY B 72 -2.70 -13.80 19.52
N GLU B 73 -1.73 -13.06 19.02
CA GLU B 73 -1.13 -11.94 19.78
C GLU B 73 -1.37 -10.69 18.92
N GLU B 74 -1.72 -9.58 19.55
CA GLU B 74 -1.92 -8.33 18.82
C GLU B 74 -0.62 -7.87 18.21
N LEU B 75 -0.62 -7.63 16.89
CA LEU B 75 0.57 -7.30 16.13
C LEU B 75 0.44 -5.96 15.38
N HIS B 76 1.33 -5.00 15.68
CA HIS B 76 1.28 -3.74 14.99
C HIS B 76 2.37 -3.68 13.98
N ILE B 77 1.98 -3.59 12.68
CA ILE B 77 2.95 -3.64 11.59
C ILE B 77 3.08 -2.27 10.91
N ILE B 78 4.31 -1.83 10.81
CA ILE B 78 4.66 -0.51 10.30
C ILE B 78 5.27 -0.61 8.94
N CYS B 79 4.63 0.06 7.98
CA CYS B 79 5.12 0.11 6.62
C CYS B 79 6.03 1.33 6.46
N ILE B 80 7.28 1.10 6.08
CA ILE B 80 8.18 2.24 5.79
C ILE B 80 8.02 2.78 4.40
N LEU B 81 7.32 3.90 4.22
CA LEU B 81 7.04 4.43 2.88
C LEU B 81 8.21 5.23 2.27
N LYS B 82 8.32 5.40 0.97
CA LYS B 82 7.50 4.72 -0.01
C LYS B 82 7.98 3.33 -0.33
N GLY B 83 9.26 3.02 -0.15
CA GLY B 83 9.88 1.81 -0.65
C GLY B 83 9.23 0.50 -0.26
N SER B 84 8.78 0.34 0.97
CA SER B 84 8.18 -0.90 1.41
C SER B 84 6.76 -1.17 0.97
N ARG B 85 6.12 -0.31 0.22
CA ARG B 85 4.72 -0.48 -0.16
C ARG B 85 4.42 -1.84 -0.80
N GLY B 86 5.25 -2.18 -1.75
CA GLY B 86 5.01 -3.46 -2.47
C GLY B 86 5.10 -4.68 -1.55
N PHE B 87 6.22 -4.79 -0.83
CA PHE B 87 6.49 -5.85 0.10
C PHE B 87 5.47 -5.88 1.22
N PHE B 88 5.16 -4.67 1.75
CA PHE B 88 4.15 -4.63 2.82
C PHE B 88 2.78 -5.11 2.32
N ASN B 89 2.31 -4.62 1.19
CA ASN B 89 1.00 -5.07 0.69
C ASN B 89 0.99 -6.55 0.37
N LEU B 90 2.06 -7.13 -0.20
CA LEU B 90 2.07 -8.60 -0.37
C LEU B 90 1.99 -9.33 0.99
N LEU B 91 2.80 -8.84 1.96
CA LEU B 91 2.88 -9.47 3.26
C LEU B 91 1.58 -9.47 4.00
N ILE B 92 0.85 -8.33 4.02
CA ILE B 92 -0.42 -8.29 4.75
C ILE B 92 -1.47 -9.13 4.03
N ASP B 93 -1.39 -9.22 2.71
CA ASP B 93 -2.35 -10.07 2.00
C ASP B 93 -2.11 -11.54 2.45
N TYR B 94 -0.87 -11.99 2.43
CA TYR B 94 -0.58 -13.36 2.91
C TYR B 94 -0.97 -13.61 4.34
N LEU B 95 -0.61 -12.58 5.22
CA LEU B 95 -0.95 -12.77 6.64
C LEU B 95 -2.42 -12.97 6.90
N ALA B 96 -3.25 -12.15 6.23
CA ALA B 96 -4.69 -12.30 6.40
C ALA B 96 -5.18 -13.67 5.85
N THR B 97 -4.69 -14.02 4.71
CA THR B 97 -5.14 -15.28 4.13
C THR B 97 -4.77 -16.50 5.01
N ILE B 98 -3.48 -16.48 5.44
CA ILE B 98 -3.02 -17.61 6.30
C ILE B 98 -3.92 -17.70 7.50
N GLN B 99 -4.20 -16.56 8.15
CA GLN B 99 -5.08 -16.61 9.33
C GLN B 99 -6.46 -17.04 9.01
N LYS B 100 -7.00 -16.66 7.83
CA LYS B 100 -8.31 -17.08 7.40
C LYS B 100 -8.40 -18.60 7.14
N TYR B 101 -7.31 -19.19 6.71
CA TYR B 101 -7.34 -20.64 6.33
C TYR B 101 -6.84 -21.48 7.51
N SER B 102 -6.30 -20.85 8.54
CA SER B 102 -5.66 -21.63 9.60
C SER B 102 -6.69 -22.45 10.35
N GLY B 103 -6.26 -23.65 10.79
CA GLY B 103 -7.17 -24.46 11.59
C GLY B 103 -7.30 -23.87 13.00
N ARG B 104 -6.24 -23.19 13.43
CA ARG B 104 -6.27 -22.51 14.73
C ARG B 104 -7.11 -21.26 14.62
N GLU B 105 -7.97 -20.97 15.59
CA GLU B 105 -8.83 -19.81 15.53
C GLU B 105 -8.51 -18.80 16.62
N SER B 106 -8.38 -17.55 16.23
CA SER B 106 -8.03 -16.47 17.17
C SER B 106 -9.03 -15.33 17.07
N SER B 107 -9.29 -14.60 18.14
CA SER B 107 -10.27 -13.54 18.15
C SER B 107 -9.54 -12.23 17.83
N VAL B 108 -8.25 -12.32 17.68
CA VAL B 108 -7.40 -11.16 17.38
C VAL B 108 -7.16 -11.04 15.88
N PRO B 109 -7.31 -9.87 15.29
CA PRO B 109 -6.99 -9.70 13.86
C PRO B 109 -5.56 -10.09 13.57
N PRO B 110 -5.18 -10.45 12.36
CA PRO B 110 -3.87 -10.83 11.93
C PRO B 110 -2.81 -9.76 12.06
N PHE B 111 -3.27 -8.50 12.02
CA PHE B 111 -2.35 -7.38 12.19
C PHE B 111 -3.13 -6.08 12.28
N PHE B 112 -2.55 -5.02 12.81
CA PHE B 112 -3.03 -3.65 12.81
C PHE B 112 -2.01 -2.79 12.07
N GLU B 113 -2.38 -2.16 10.92
CA GLU B 113 -1.37 -1.50 10.07
C GLU B 113 -1.10 -0.03 10.46
N HIS B 114 0.09 0.39 10.15
CA HIS B 114 0.61 1.71 10.38
C HIS B 114 1.56 2.12 9.27
N TYR B 115 1.73 3.45 9.11
CA TYR B 115 2.59 3.97 8.07
C TYR B 115 3.54 5.02 8.64
N VAL B 116 4.79 4.92 8.22
CA VAL B 116 5.82 5.91 8.65
C VAL B 116 6.64 6.22 7.41
N ARG B 117 6.91 7.48 7.10
CA ARG B 117 7.71 7.79 5.91
C ARG B 117 9.09 8.26 6.34
N LEU B 118 10.12 7.56 5.91
CA LEU B 118 11.51 7.87 6.28
C LEU B 118 12.26 8.35 5.03
N LYS B 119 13.08 9.40 5.19
CA LYS B 119 13.88 9.89 4.04
C LYS B 119 15.25 10.34 4.59
N GLN B 129 21.34 11.45 9.04
CA GLN B 129 20.22 11.96 9.81
C GLN B 129 18.90 11.47 9.21
N LEU B 130 18.10 10.84 10.07
CA LEU B 130 16.82 10.31 9.68
C LEU B 130 15.70 11.31 9.91
N THR B 131 14.83 11.35 8.91
CA THR B 131 13.59 12.06 8.98
C THR B 131 12.48 11.01 9.22
N VAL B 132 11.57 11.45 10.06
CA VAL B 132 10.44 10.61 10.43
C VAL B 132 9.17 11.43 10.24
N LEU B 133 8.38 10.92 9.29
CA LEU B 133 7.07 11.50 9.02
C LEU B 133 6.06 10.46 9.45
N SER B 134 5.29 10.69 10.50
CA SER B 134 4.36 9.71 11.01
C SER B 134 3.41 10.25 12.06
N ASP B 135 2.44 9.42 12.42
CA ASP B 135 1.54 9.69 13.51
C ASP B 135 2.40 9.64 14.80
N ASP B 136 1.80 10.05 15.90
CA ASP B 136 2.53 9.99 17.18
C ASP B 136 3.03 8.58 17.47
N LEU B 137 4.34 8.38 17.63
CA LEU B 137 4.85 7.04 17.90
C LEU B 137 4.44 6.47 19.23
N SER B 138 3.86 7.29 20.11
CA SER B 138 3.42 6.79 21.42
C SER B 138 2.35 5.72 21.31
N ILE B 139 1.65 5.61 20.18
CA ILE B 139 0.64 4.54 20.12
C ILE B 139 1.28 3.15 20.18
N PHE B 140 2.58 3.04 19.95
CA PHE B 140 3.28 1.73 19.99
C PHE B 140 3.79 1.35 21.38
N ARG B 141 3.50 2.20 22.36
CA ARG B 141 3.94 1.80 23.72
C ARG B 141 3.23 0.55 24.14
N ASP B 142 4.02 -0.43 24.58
CA ASP B 142 3.58 -1.72 25.09
C ASP B 142 2.89 -2.60 24.01
N LYS B 143 3.22 -2.29 22.77
CA LYS B 143 2.64 -3.16 21.70
C LYS B 143 3.74 -3.99 21.11
N HIS B 144 3.35 -5.14 20.45
CA HIS B 144 4.31 -5.92 19.68
C HIS B 144 4.43 -5.23 18.30
N VAL B 145 5.57 -4.78 17.92
CA VAL B 145 5.76 -4.04 16.68
C VAL B 145 6.63 -4.82 15.74
N LEU B 146 6.25 -4.88 14.46
CA LEU B 146 7.02 -5.38 13.34
C LEU B 146 7.28 -4.31 12.27
N ILE B 147 8.50 -3.87 12.07
CA ILE B 147 8.89 -2.88 11.09
C ILE B 147 9.09 -3.58 9.75
N VAL B 148 8.35 -3.12 8.73
CA VAL B 148 8.48 -3.73 7.39
C VAL B 148 9.23 -2.74 6.51
N GLU B 149 10.39 -3.15 6.04
CA GLU B 149 11.33 -2.39 5.29
C GLU B 149 11.68 -3.11 3.97
N ASP B 150 11.95 -2.32 2.94
CA ASP B 150 12.30 -2.92 1.66
C ASP B 150 13.74 -3.43 1.57
N ILE B 151 14.71 -2.60 2.00
CA ILE B 151 16.10 -3.10 1.86
C ILE B 151 16.96 -2.39 2.93
N VAL B 152 17.78 -3.23 3.50
CA VAL B 152 18.76 -2.74 4.52
C VAL B 152 20.10 -2.85 3.82
N ALA B 153 20.97 -1.86 3.96
CA ALA B 153 22.31 -1.90 3.37
C ALA B 153 23.30 -1.71 4.52
N THR B 154 23.59 -0.46 4.86
CA THR B 154 24.45 -0.15 5.99
C THR B 154 23.76 -0.32 7.33
N GLY B 155 22.41 -0.25 7.36
CA GLY B 155 21.70 -0.44 8.60
C GLY B 155 21.38 0.89 9.31
N PHE B 156 21.88 1.97 8.73
CA PHE B 156 21.74 3.29 9.35
C PHE B 156 20.29 3.69 9.52
N THR B 157 19.52 3.46 8.44
CA THR B 157 18.11 3.90 8.50
C THR B 157 17.35 3.23 9.62
N LEU B 158 17.42 1.89 9.73
CA LEU B 158 16.69 1.16 10.74
C LEU B 158 17.26 1.25 12.15
N THR B 159 18.55 1.57 12.22
CA THR B 159 19.18 1.80 13.52
C THR B 159 18.63 3.09 14.11
N GLU B 160 18.55 4.16 13.36
CA GLU B 160 18.04 5.44 13.85
C GLU B 160 16.56 5.39 14.14
N PHE B 161 15.79 4.84 13.14
CA PHE B 161 14.37 4.76 13.46
C PHE B 161 14.11 3.87 14.65
N GLY B 162 14.84 2.78 14.84
CA GLY B 162 14.62 1.84 15.94
C GLY B 162 14.91 2.57 17.27
N GLU B 163 15.92 3.44 17.20
CA GLU B 163 16.28 4.10 18.47
C GLU B 163 15.14 4.99 18.93
N ARG B 164 14.51 5.64 17.97
CA ARG B 164 13.37 6.51 18.24
C ARG B 164 12.11 5.82 18.67
N LEU B 165 11.89 4.63 18.13
CA LEU B 165 10.75 3.83 18.62
C LEU B 165 11.01 3.22 19.98
N LYS B 166 12.24 2.84 20.32
CA LYS B 166 12.53 2.24 21.64
C LYS B 166 12.14 3.20 22.76
N ALA B 167 12.35 4.48 22.42
CA ALA B 167 12.06 5.55 23.42
C ALA B 167 10.65 5.52 23.89
N VAL B 168 9.68 5.02 23.07
CA VAL B 168 8.31 4.99 23.50
C VAL B 168 8.00 3.76 24.35
N GLY B 169 8.88 2.77 24.31
CA GLY B 169 8.70 1.56 25.08
C GLY B 169 7.76 0.50 24.56
N PRO B 170 8.00 0.03 23.34
CA PRO B 170 7.14 -1.03 22.80
C PRO B 170 7.35 -2.29 23.62
N LYS B 171 6.47 -3.26 23.50
CA LYS B 171 6.64 -4.55 24.17
C LYS B 171 7.72 -5.36 23.47
N SER B 172 7.69 -5.41 22.12
CA SER B 172 8.71 -6.11 21.35
C SER B 172 8.91 -5.40 20.02
N MET B 173 10.05 -5.52 19.39
CA MET B 173 10.44 -4.93 18.15
C MET B 173 11.19 -5.90 17.26
N ARG B 174 10.59 -6.26 16.11
CA ARG B 174 11.21 -7.08 15.11
C ARG B 174 11.24 -6.36 13.75
N ILE B 175 12.08 -6.75 12.85
CA ILE B 175 12.29 -6.26 11.51
C ILE B 175 12.11 -7.33 10.41
N ALA B 176 11.23 -6.97 9.47
CA ALA B 176 11.03 -7.78 8.25
C ALA B 176 11.55 -6.92 7.12
N THR B 177 12.53 -7.41 6.35
CA THR B 177 13.13 -6.66 5.26
C THR B 177 13.17 -7.63 4.07
N LEU B 178 12.80 -7.17 2.90
CA LEU B 178 12.76 -8.13 1.77
C LEU B 178 14.17 -8.49 1.34
N VAL B 179 15.07 -7.53 1.31
CA VAL B 179 16.47 -7.71 0.87
C VAL B 179 17.45 -7.10 1.87
N GLU B 180 18.56 -7.81 2.06
CA GLU B 180 19.68 -7.25 2.85
C GLU B 180 20.90 -7.28 1.93
N LYS B 181 21.73 -6.25 1.87
CA LYS B 181 22.89 -6.22 1.00
C LYS B 181 24.12 -6.74 1.80
N ARG B 182 25.05 -7.31 1.05
CA ARG B 182 26.30 -7.81 1.61
C ARG B 182 27.35 -6.71 1.42
N THR B 183 27.56 -5.85 2.41
CA THR B 183 28.51 -4.75 2.35
C THR B 183 29.86 -5.06 2.99
N SER B 188 26.80 -4.33 11.23
CA SER B 188 25.58 -3.83 10.61
C SER B 188 24.32 -4.49 11.15
N LEU B 189 23.26 -3.69 11.31
CA LEU B 189 21.96 -4.18 11.78
C LEU B 189 21.44 -5.31 10.88
N LYS B 190 20.71 -6.27 11.42
CA LYS B 190 20.13 -7.36 10.63
C LYS B 190 18.65 -7.56 10.95
N GLY B 191 17.88 -7.95 9.89
CA GLY B 191 16.44 -8.15 10.18
C GLY B 191 16.11 -9.51 10.73
N ASP B 192 14.92 -9.74 11.28
CA ASP B 192 14.45 -10.95 11.87
C ASP B 192 13.78 -11.85 10.81
N PHE B 193 13.09 -11.19 9.89
CA PHE B 193 12.47 -11.96 8.76
C PHE B 193 12.98 -11.36 7.49
N VAL B 194 13.93 -11.97 6.79
CA VAL B 194 14.58 -11.42 5.65
C VAL B 194 14.37 -12.32 4.41
N GLY B 195 14.00 -11.67 3.32
CA GLY B 195 13.72 -12.52 2.11
C GLY B 195 15.01 -12.98 1.43
N PHE B 196 15.84 -12.07 0.98
CA PHE B 196 17.03 -12.33 0.20
C PHE B 196 18.31 -11.59 0.66
N SER B 197 19.44 -12.28 0.41
CA SER B 197 20.77 -11.68 0.67
C SER B 197 21.38 -11.44 -0.70
N ILE B 198 21.73 -10.22 -1.08
CA ILE B 198 22.24 -9.97 -2.41
C ILE B 198 23.61 -9.28 -2.41
N GLU B 199 24.27 -9.29 -3.55
CA GLU B 199 25.57 -8.59 -3.62
C GLU B 199 25.38 -7.09 -3.58
N ASP B 200 26.42 -6.34 -3.25
CA ASP B 200 26.25 -4.89 -3.04
C ASP B 200 26.11 -4.12 -4.33
N VAL B 201 24.90 -4.06 -4.89
CA VAL B 201 24.65 -3.32 -6.12
C VAL B 201 23.38 -2.48 -5.95
N TRP B 202 23.16 -1.50 -6.82
CA TRP B 202 21.95 -0.66 -6.66
C TRP B 202 20.77 -1.33 -7.41
N ILE B 203 19.66 -1.51 -6.71
CA ILE B 203 18.53 -2.21 -7.35
C ILE B 203 17.35 -1.30 -7.56
N VAL B 204 16.54 -1.59 -8.55
CA VAL B 204 15.41 -0.80 -8.95
C VAL B 204 14.29 -1.81 -9.39
N GLY B 205 13.07 -1.29 -9.41
CA GLY B 205 11.96 -2.19 -9.80
C GLY B 205 11.28 -2.75 -8.56
N CYS B 206 10.03 -3.25 -8.74
CA CYS B 206 9.35 -3.90 -7.60
C CYS B 206 9.43 -2.98 -6.35
N CYS B 207 9.14 -1.73 -6.59
CA CYS B 207 9.11 -0.68 -5.57
C CYS B 207 10.46 -0.05 -5.27
N TYR B 208 11.54 -0.70 -5.68
CA TYR B 208 12.86 -0.04 -5.47
C TYR B 208 12.97 1.02 -6.53
N ASP B 209 13.48 2.24 -6.19
CA ASP B 209 13.58 3.26 -7.19
C ASP B 209 15.02 3.82 -7.40
N PHE B 210 15.10 4.65 -8.39
CA PHE B 210 16.33 5.47 -8.59
C PHE B 210 15.74 6.82 -8.93
N ASN B 211 15.79 7.73 -7.93
CA ASN B 211 15.22 9.05 -8.04
C ASN B 211 13.75 9.00 -8.46
N GLU B 212 13.00 8.10 -7.80
CA GLU B 212 11.56 7.96 -7.99
C GLU B 212 11.16 7.16 -9.22
N MET B 213 12.10 6.78 -10.07
CA MET B 213 11.76 6.01 -11.27
C MET B 213 11.93 4.53 -11.04
N PHE B 214 11.20 3.75 -11.85
CA PHE B 214 11.23 2.30 -11.95
C PHE B 214 10.35 1.56 -10.93
N ARG B 215 9.69 2.22 -9.98
CA ARG B 215 8.96 1.46 -8.96
C ARG B 215 7.91 0.50 -9.52
N ASP B 216 7.24 0.90 -10.60
CA ASP B 216 6.17 0.12 -11.21
C ASP B 216 6.66 -1.06 -12.03
N PHE B 217 7.96 -1.16 -12.28
CA PHE B 217 8.48 -2.37 -12.97
C PHE B 217 8.28 -3.61 -12.12
N ASP B 218 7.89 -4.76 -12.73
CA ASP B 218 7.50 -5.94 -11.98
C ASP B 218 8.63 -6.77 -11.39
N HIS B 219 9.87 -6.52 -11.85
CA HIS B 219 10.96 -7.35 -11.33
C HIS B 219 12.07 -6.53 -10.67
N VAL B 220 12.86 -7.19 -9.84
CA VAL B 220 13.95 -6.48 -9.17
C VAL B 220 15.16 -6.60 -10.12
N ALA B 221 15.49 -5.40 -10.63
CA ALA B 221 16.61 -5.36 -11.61
C ALA B 221 17.83 -4.61 -11.06
N VAL B 222 18.95 -4.68 -11.79
CA VAL B 222 20.17 -3.96 -11.43
C VAL B 222 20.09 -2.63 -12.09
N LEU B 223 20.51 -1.53 -11.41
CA LEU B 223 20.45 -0.22 -12.09
C LEU B 223 21.51 -0.19 -13.21
N SER B 224 21.08 0.10 -14.42
CA SER B 224 22.04 0.14 -15.54
C SER B 224 22.71 1.52 -15.66
N ASP B 225 23.89 1.50 -16.31
CA ASP B 225 24.62 2.76 -16.50
C ASP B 225 23.75 3.70 -17.31
N ALA B 226 22.96 3.10 -18.22
CA ALA B 226 22.05 3.86 -19.07
C ALA B 226 20.93 4.51 -18.23
N ALA B 227 20.48 3.77 -17.22
CA ALA B 227 19.42 4.31 -16.36
C ALA B 227 20.01 5.43 -15.50
N ARG B 228 21.12 5.13 -14.84
CA ARG B 228 21.78 6.07 -13.94
C ARG B 228 22.04 7.41 -14.61
N LYS B 229 22.55 7.38 -15.83
CA LYS B 229 22.83 8.63 -16.54
C LYS B 229 21.56 9.34 -16.95
N LYS B 230 20.54 8.59 -17.35
CA LYS B 230 19.30 9.23 -17.80
C LYS B 230 18.51 9.85 -16.64
N PHE B 231 18.56 9.24 -15.46
CA PHE B 231 17.77 9.67 -14.31
C PHE B 231 18.58 10.15 -13.12
N GLU B 232 19.76 10.75 -13.31
CA GLU B 232 20.57 11.21 -12.19
C GLU B 232 20.25 12.65 -11.84
N LYS B 233 19.88 12.96 -10.60
CA LYS B 233 19.57 14.30 -10.15
C LYS B 233 18.73 14.28 -8.86
P XMP C . -16.34 13.22 4.38
O1P XMP C . -17.56 13.20 5.22
O2P XMP C . -16.58 13.20 2.90
O5' XMP C . -15.56 11.87 4.59
O3P XMP C . -15.42 14.30 4.78
C5' XMP C . -15.91 10.86 5.50
C4' XMP C . -14.64 10.72 6.33
O4' XMP C . -14.82 9.57 7.16
C1' XMP C . -14.47 8.44 6.38
N9 XMP C . -15.73 7.76 6.19
C4 XMP C . -15.86 6.41 6.41
N3 XMP C . -14.91 5.60 6.88
N1 XMP C . -16.62 4.00 6.77
C2 XMP C . -15.31 4.33 7.04
O2 XMP C . -14.55 3.43 7.40
C6 XMP C . -17.62 4.84 6.31
O6 XMP C . -18.74 4.48 6.09
C5 XMP C . -17.17 6.16 6.13
N7 XMP C . -17.83 7.31 5.72
C8 XMP C . -16.91 8.25 5.77
C2' XMP C . -13.85 8.93 5.08
O2' XMP C . -12.80 8.03 4.80
C3' XMP C . -13.42 10.30 5.51
O3' XMP C . -12.17 10.38 6.28
P1 POP D . -10.23 8.50 8.75
O1 POP D . -10.25 9.10 7.35
O2 POP D . -11.47 7.70 8.95
O3 POP D . -9.99 9.47 9.85
O POP D . -8.77 7.78 8.83
P2 POP D . -8.29 6.47 7.98
O4 POP D . -8.32 6.71 6.44
O5 POP D . -9.23 5.37 8.38
O6 POP D . -6.93 6.34 8.45
MG MG E . -9.63 8.13 5.64
MG MG F . -11.13 5.37 9.24
P XMP G . 20.77 1.81 4.81
O1P XMP G . 22.02 2.18 4.10
O2P XMP G . 20.69 0.61 5.64
O5' XMP G . 19.56 1.76 3.76
O3P XMP G . 20.43 3.02 5.62
C5' XMP G . 19.84 2.43 2.54
C4' XMP G . 18.79 3.44 2.19
O4' XMP G . 18.66 3.52 0.75
C1' XMP G . 17.63 2.56 0.42
N9 XMP G . 18.35 1.64 -0.43
C4 XMP G . 18.06 1.32 -1.73
N3 XMP G . 17.04 1.79 -2.44
N1 XMP G . 17.93 0.43 -4.11
C2 XMP G . 16.97 1.31 -3.69
O2 XMP G . 16.08 1.68 -4.44
C6 XMP G . 18.99 -0.08 -3.38
O6 XMP G . 19.77 -0.87 -3.93
C5 XMP G . 19.06 0.44 -2.10
N7 XMP G . 19.94 0.22 -1.05
C8 XMP G . 19.48 0.97 -0.08
C2' XMP G . 17.15 1.97 1.75
O2' XMP G . 15.83 1.60 1.67
C3' XMP G . 17.36 3.18 2.61
O3' XMP G . 16.49 4.33 2.28
P1 POP H . 14.42 6.28 0.56
O1 POP H . 14.33 5.27 1.61
O2 POP H . 15.35 5.89 -0.61
O3 POP H . 14.87 7.61 1.05
O POP H . 12.93 6.73 0.11
P2 POP H . 11.77 5.68 -0.48
O4 POP H . 11.40 4.54 0.39
O5 POP H . 12.25 5.38 -1.90
O6 POP H . 10.66 6.63 -0.60
MG MG I . 12.78 3.94 2.05
MG MG J . 14.16 5.17 -2.45
#